data_7RJJ
#
_entry.id   7RJJ
#
_cell.length_a   41.887
_cell.length_b   41.887
_cell.length_c   267.934
_cell.angle_alpha   90.000
_cell.angle_beta   90.000
_cell.angle_gamma   120.000
#
_symmetry.space_group_name_H-M   'P 61'
#
loop_
_entity.id
_entity.type
_entity.pdbx_description
1 polymer 'OmpA family protein'
2 non-polymer D-ALANINE
3 non-polymer 'CHLORIDE ION'
4 water water
#
_entity_poly.entity_id   1
_entity_poly.type   'polypeptide(L)'
_entity_poly.pdbx_seq_one_letter_code
;SNAPDVIRLDS(MSE)SLFDTGKWVLKPGSTKRLVSSL(MSE)DIKARPGWLIVVAGHTDSVGEEKANQLLSLKRAESVR
DW(MSE)RDTGDVPDSCFAVQGYGESRPIATNDTPEGRALNRRVEISLVPQVDACRLPD
;
_entity_poly.pdbx_strand_id   A,B
#
loop_
_chem_comp.id
_chem_comp.type
_chem_comp.name
_chem_comp.formula
CL non-polymer 'CHLORIDE ION' 'Cl -1'
#
# COMPACT_ATOMS: atom_id res chain seq x y z
N PRO A 4 3.75 -4.40 21.84
CA PRO A 4 3.16 -4.39 20.50
C PRO A 4 4.08 -3.69 19.49
N ASP A 5 5.17 -4.36 19.11
CA ASP A 5 6.15 -3.76 18.17
C ASP A 5 5.87 -4.20 16.73
N VAL A 6 6.20 -3.33 15.77
CA VAL A 6 6.14 -3.69 14.33
C VAL A 6 7.16 -4.81 14.13
N ILE A 7 6.83 -5.81 13.30
CA ILE A 7 7.77 -6.94 13.05
C ILE A 7 8.34 -6.74 11.65
N ARG A 8 9.66 -6.66 11.52
CA ARG A 8 10.28 -6.49 10.17
C ARG A 8 10.77 -7.86 9.72
N LEU A 9 10.31 -8.31 8.55
CA LEU A 9 10.77 -9.62 8.03
C LEU A 9 12.11 -9.39 7.32
N ASP A 10 12.87 -10.45 7.07
CA ASP A 10 14.16 -10.26 6.37
C ASP A 10 13.91 -9.77 4.94
N SER A 11 14.80 -8.93 4.42
CA SER A 11 14.74 -8.40 3.04
C SER A 11 14.76 -9.56 2.04
N MSE A 12 14.15 -9.36 0.87
CA MSE A 12 14.10 -10.39 -0.17
C MSE A 12 14.52 -9.79 -1.51
O MSE A 12 13.75 -9.08 -2.14
CB MSE A 12 12.68 -10.97 -0.27
CG MSE A 12 12.27 -11.89 0.87
SE MSE A 12 10.45 -12.62 0.60
CE MSE A 12 9.43 -10.96 0.43
N SER A 13 15.77 -10.05 -1.91
CA SER A 13 16.32 -9.58 -3.17
C SER A 13 15.96 -10.60 -4.26
N LEU A 14 14.76 -10.44 -4.84
CA LEU A 14 14.17 -11.43 -5.79
C LEU A 14 14.04 -10.86 -7.21
N PHE A 15 14.85 -9.87 -7.60
CA PHE A 15 14.56 -9.25 -8.93
C PHE A 15 15.81 -8.91 -9.75
N ASP A 16 15.70 -9.19 -11.07
CA ASP A 16 16.73 -8.82 -12.06
C ASP A 16 16.44 -7.39 -12.50
N THR A 17 17.44 -6.75 -13.12
CA THR A 17 17.37 -5.34 -13.60
C THR A 17 16.07 -5.10 -14.38
N GLY A 18 15.36 -4.01 -14.04
CA GLY A 18 14.15 -3.53 -14.73
C GLY A 18 12.99 -4.51 -14.71
N LYS A 19 13.12 -5.62 -13.97
CA LYS A 19 12.04 -6.65 -13.90
C LYS A 19 11.32 -6.54 -12.55
N TRP A 20 10.04 -6.92 -12.54
CA TRP A 20 9.22 -6.92 -11.30
C TRP A 20 8.68 -8.34 -11.08
N VAL A 21 8.91 -9.24 -12.04
CA VAL A 21 8.50 -10.67 -11.88
C VAL A 21 9.44 -11.31 -10.88
N LEU A 22 8.94 -12.28 -10.12
CA LEU A 22 9.78 -12.96 -9.09
C LEU A 22 10.75 -13.89 -9.81
N LYS A 23 12.05 -13.53 -9.81
CA LYS A 23 13.11 -14.28 -10.56
C LYS A 23 13.15 -15.74 -10.12
N PRO A 24 13.72 -16.63 -10.96
CA PRO A 24 13.86 -18.03 -10.60
C PRO A 24 14.62 -18.21 -9.26
N GLY A 25 14.20 -19.18 -8.44
CA GLY A 25 14.85 -19.47 -7.15
C GLY A 25 14.40 -18.56 -6.03
N SER A 26 13.20 -17.96 -6.16
CA SER A 26 12.67 -17.04 -5.12
C SER A 26 11.76 -17.78 -4.13
N THR A 27 11.40 -19.03 -4.42
CA THR A 27 10.35 -19.73 -3.62
C THR A 27 10.72 -19.91 -2.14
N LYS A 28 11.96 -20.29 -1.83
CA LYS A 28 12.30 -20.54 -0.40
C LYS A 28 12.19 -19.25 0.42
N ARG A 29 12.66 -18.11 -0.12
CA ARG A 29 12.59 -16.81 0.60
C ARG A 29 11.13 -16.34 0.72
N LEU A 30 10.33 -16.61 -0.30
CA LEU A 30 8.89 -16.22 -0.25
C LEU A 30 8.18 -17.06 0.82
N VAL A 31 8.37 -18.38 0.78
CA VAL A 31 7.70 -19.28 1.76
C VAL A 31 8.10 -18.83 3.17
N SER A 32 9.37 -18.44 3.35
CA SER A 32 9.86 -18.03 4.70
C SER A 32 9.06 -16.81 5.20
N SER A 33 8.86 -15.82 4.33
CA SER A 33 8.06 -14.61 4.71
C SER A 33 6.62 -15.02 4.98
N LEU A 34 6.09 -15.91 4.14
CA LEU A 34 4.70 -16.40 4.27
C LEU A 34 4.47 -16.99 5.65
N MSE A 35 5.39 -17.86 6.10
N MSE A 35 5.39 -17.87 6.09
CA MSE A 35 5.26 -18.50 7.39
CA MSE A 35 5.27 -18.50 7.39
C MSE A 35 5.22 -17.43 8.49
C MSE A 35 5.21 -17.42 8.47
O MSE A 35 4.38 -17.50 9.40
O MSE A 35 4.34 -17.46 9.36
CB MSE A 35 6.37 -19.55 7.58
CB MSE A 35 6.42 -19.49 7.60
CG MSE A 35 5.92 -20.94 7.21
CG MSE A 35 6.30 -20.75 6.77
SE MSE A 35 7.39 -22.16 6.82
SE MSE A 35 4.48 -21.51 6.83
CE MSE A 35 9.06 -21.26 6.31
CE MSE A 35 3.75 -21.68 5.02
N ASP A 36 6.10 -16.42 8.38
CA ASP A 36 6.12 -15.33 9.34
C ASP A 36 4.78 -14.59 9.33
N ILE A 37 4.19 -14.41 8.14
CA ILE A 37 2.85 -13.75 7.99
C ILE A 37 1.78 -14.62 8.63
N LYS A 38 1.84 -15.95 8.41
CA LYS A 38 0.80 -16.89 8.92
C LYS A 38 0.82 -16.91 10.45
N ALA A 39 1.96 -16.61 11.07
CA ALA A 39 2.06 -16.64 12.53
C ALA A 39 1.41 -15.38 13.14
N ARG A 40 1.07 -14.39 12.32
CA ARG A 40 0.47 -13.15 12.88
C ARG A 40 -0.79 -12.80 12.10
N PRO A 41 -1.86 -13.63 12.21
CA PRO A 41 -3.11 -13.35 11.51
C PRO A 41 -3.70 -11.98 11.86
N GLY A 42 -4.13 -11.23 10.85
CA GLY A 42 -4.83 -9.95 11.11
C GLY A 42 -3.91 -8.74 11.19
N TRP A 43 -2.59 -8.92 11.17
CA TRP A 43 -1.67 -7.76 11.21
C TRP A 43 -1.61 -7.13 9.81
N LEU A 44 -1.52 -5.80 9.72
CA LEU A 44 -1.32 -5.17 8.39
C LEU A 44 0.05 -5.60 7.85
N ILE A 45 0.08 -6.06 6.60
CA ILE A 45 1.32 -6.52 5.91
C ILE A 45 1.76 -5.37 5.03
N VAL A 46 2.74 -4.59 5.49
CA VAL A 46 3.22 -3.46 4.65
C VAL A 46 4.30 -4.03 3.75
N VAL A 47 4.07 -4.00 2.45
CA VAL A 47 5.01 -4.58 1.44
C VAL A 47 5.68 -3.41 0.72
N ALA A 48 6.98 -3.21 0.95
CA ALA A 48 7.72 -2.07 0.37
C ALA A 48 8.73 -2.54 -0.67
N GLY A 49 8.61 -1.99 -1.88
CA GLY A 49 9.54 -2.33 -2.97
C GLY A 49 10.68 -1.33 -3.05
N HIS A 50 11.81 -1.79 -3.60
CA HIS A 50 13.02 -0.96 -3.73
C HIS A 50 13.69 -1.25 -5.06
N THR A 51 14.60 -0.37 -5.46
CA THR A 51 15.36 -0.55 -6.73
C THR A 51 16.82 -0.18 -6.49
N ASP A 52 17.69 -0.57 -7.44
CA ASP A 52 19.10 -0.09 -7.37
C ASP A 52 19.04 1.33 -7.95
N SER A 53 20.16 2.05 -7.97
CA SER A 53 20.12 3.45 -8.47
C SER A 53 20.27 3.53 -10.00
N VAL A 54 20.23 2.40 -10.72
CA VAL A 54 20.36 2.44 -12.21
C VAL A 54 19.02 2.92 -12.79
N GLY A 55 19.07 3.71 -13.88
CA GLY A 55 17.84 4.19 -14.51
C GLY A 55 17.40 5.54 -13.96
N GLU A 56 16.11 5.86 -14.15
CA GLU A 56 15.54 7.19 -13.76
C GLU A 56 14.69 7.05 -12.49
N GLU A 57 14.86 8.01 -11.57
CA GLU A 57 14.18 8.08 -10.25
C GLU A 57 12.68 7.81 -10.37
N LYS A 58 11.98 8.55 -11.23
CA LYS A 58 10.52 8.35 -11.41
C LYS A 58 10.26 6.92 -11.90
N ALA A 59 11.06 6.44 -12.86
CA ALA A 59 10.88 5.08 -13.38
C ALA A 59 11.09 4.06 -12.24
N ASN A 60 12.11 4.29 -11.42
CA ASN A 60 12.41 3.39 -10.28
C ASN A 60 11.26 3.44 -9.27
N GLN A 61 10.59 4.58 -9.11
CA GLN A 61 9.46 4.62 -8.15
C GLN A 61 8.39 3.63 -8.61
N LEU A 62 7.97 3.71 -9.87
N LEU A 62 8.00 3.73 -9.89
CA LEU A 62 6.93 2.79 -10.41
CA LEU A 62 6.96 2.84 -10.49
C LEU A 62 7.43 1.35 -10.29
C LEU A 62 7.41 1.37 -10.35
N LEU A 63 8.67 1.09 -10.70
CA LEU A 63 9.25 -0.28 -10.63
C LEU A 63 9.20 -0.80 -9.19
N SER A 64 9.60 0.02 -8.22
CA SER A 64 9.60 -0.41 -6.80
C SER A 64 8.18 -0.82 -6.38
N LEU A 65 7.18 -0.10 -6.88
CA LEU A 65 5.78 -0.39 -6.49
C LEU A 65 5.33 -1.69 -7.20
N LYS A 66 5.75 -1.90 -8.45
CA LYS A 66 5.35 -3.16 -9.16
C LYS A 66 5.97 -4.36 -8.44
N ARG A 67 7.15 -4.18 -7.85
CA ARG A 67 7.82 -5.30 -7.14
C ARG A 67 7.04 -5.65 -5.88
N ALA A 68 6.58 -4.61 -5.17
CA ALA A 68 5.77 -4.84 -3.95
C ALA A 68 4.47 -5.54 -4.38
N GLU A 69 3.91 -5.15 -5.53
CA GLU A 69 2.65 -5.80 -6.00
C GLU A 69 2.90 -7.26 -6.38
N SER A 70 4.06 -7.59 -6.99
CA SER A 70 4.36 -9.01 -7.35
C SER A 70 4.39 -9.87 -6.09
N VAL A 71 5.05 -9.40 -5.02
CA VAL A 71 5.14 -10.14 -3.73
C VAL A 71 3.74 -10.19 -3.11
N ARG A 72 3.01 -9.08 -3.09
CA ARG A 72 1.62 -9.11 -2.54
C ARG A 72 0.84 -10.20 -3.28
N ASP A 73 0.87 -10.16 -4.62
CA ASP A 73 0.11 -11.11 -5.46
C ASP A 73 0.51 -12.56 -5.13
N TRP A 74 1.80 -12.82 -4.91
CA TRP A 74 2.23 -14.19 -4.59
C TRP A 74 1.65 -14.61 -3.24
N MSE A 75 1.79 -13.75 -2.23
CA MSE A 75 1.30 -14.06 -0.89
C MSE A 75 -0.20 -14.30 -0.91
O MSE A 75 -0.70 -15.20 -0.23
CB MSE A 75 1.64 -12.92 0.07
CG MSE A 75 3.10 -12.66 0.25
SE MSE A 75 4.02 -14.12 1.18
CE MSE A 75 5.87 -13.60 0.82
N ARG A 76 -0.93 -13.52 -1.70
CA ARG A 76 -2.40 -13.64 -1.73
C ARG A 76 -2.82 -14.89 -2.52
N ASP A 77 -2.27 -15.06 -3.71
CA ASP A 77 -2.71 -16.14 -4.62
C ASP A 77 -2.04 -17.48 -4.27
N THR A 78 -0.74 -17.49 -4.02
CA THR A 78 -0.02 -18.75 -3.68
C THR A 78 -0.08 -19.01 -2.16
N GLY A 79 -0.11 -17.94 -1.34
CA GLY A 79 -0.11 -18.07 0.13
C GLY A 79 -1.48 -17.95 0.77
N ASP A 80 -2.54 -17.83 -0.09
CA ASP A 80 -3.94 -17.74 0.41
C ASP A 80 -4.09 -16.71 1.54
N VAL A 81 -3.33 -15.62 1.49
CA VAL A 81 -3.47 -14.52 2.49
C VAL A 81 -4.57 -13.58 1.97
N PRO A 82 -5.59 -13.21 2.78
CA PRO A 82 -6.66 -12.32 2.30
C PRO A 82 -6.10 -11.03 1.69
N ASP A 83 -6.73 -10.55 0.62
CA ASP A 83 -6.24 -9.34 -0.10
C ASP A 83 -6.23 -8.11 0.80
N SER A 84 -7.18 -7.98 1.72
CA SER A 84 -7.25 -6.75 2.56
C SER A 84 -6.08 -6.68 3.54
N CYS A 85 -5.30 -7.75 3.72
CA CYS A 85 -4.19 -7.71 4.71
C CYS A 85 -3.04 -6.79 4.26
N PHE A 86 -2.96 -6.54 2.95
CA PHE A 86 -1.76 -5.85 2.38
C PHE A 86 -1.92 -4.35 2.15
N ALA A 87 -0.79 -3.66 2.28
CA ALA A 87 -0.63 -2.24 1.93
C ALA A 87 0.70 -2.16 1.17
N VAL A 88 0.66 -1.72 -0.10
CA VAL A 88 1.93 -1.73 -0.89
C VAL A 88 2.51 -0.32 -0.97
N GLN A 89 3.84 -0.26 -0.87
CA GLN A 89 4.63 0.98 -0.78
C GLN A 89 5.83 0.89 -1.72
N GLY A 90 6.26 2.02 -2.27
CA GLY A 90 7.46 2.03 -3.12
C GLY A 90 8.43 3.07 -2.61
N TYR A 91 9.70 2.69 -2.44
CA TYR A 91 10.77 3.64 -2.03
C TYR A 91 11.64 3.99 -3.23
N GLY A 92 11.41 3.37 -4.39
CA GLY A 92 12.30 3.65 -5.53
C GLY A 92 13.74 3.32 -5.19
N GLU A 93 14.67 4.19 -5.56
CA GLU A 93 16.13 3.97 -5.29
C GLU A 93 16.55 4.68 -4.00
N SER A 94 15.60 5.26 -3.28
CA SER A 94 15.94 6.12 -2.11
C SER A 94 16.58 5.38 -0.93
N ARG A 95 16.36 4.07 -0.70
CA ARG A 95 16.94 3.44 0.53
C ARG A 95 17.70 2.15 0.29
N PRO A 96 18.90 2.24 -0.33
CA PRO A 96 19.72 1.05 -0.56
C PRO A 96 20.19 0.39 0.74
N ILE A 97 20.35 -0.95 0.70
CA ILE A 97 20.89 -1.76 1.84
C ILE A 97 22.33 -2.15 1.48
N ALA A 98 22.71 -1.96 0.21
CA ALA A 98 24.05 -2.34 -0.25
C ALA A 98 24.57 -1.28 -1.22
N THR A 99 25.87 -1.29 -1.48
CA THR A 99 26.48 -0.33 -2.43
C THR A 99 25.84 -0.53 -3.80
N ASN A 100 25.71 0.56 -4.57
CA ASN A 100 25.26 0.45 -5.98
C ASN A 100 26.53 0.46 -6.86
N ASP A 101 27.70 0.36 -6.24
CA ASP A 101 29.00 0.38 -6.98
C ASP A 101 29.41 -1.02 -7.48
N THR A 102 28.65 -2.06 -7.18
CA THR A 102 28.97 -3.43 -7.67
C THR A 102 27.70 -4.12 -8.12
N PRO A 103 27.79 -5.13 -9.02
CA PRO A 103 26.63 -5.89 -9.45
C PRO A 103 25.97 -6.63 -8.28
N GLU A 104 26.76 -7.20 -7.37
CA GLU A 104 26.18 -7.93 -6.20
C GLU A 104 25.43 -6.93 -5.32
N GLY A 105 26.01 -5.74 -5.15
CA GLY A 105 25.37 -4.70 -4.33
C GLY A 105 24.06 -4.24 -4.95
N ARG A 106 24.06 -3.99 -6.25
CA ARG A 106 22.83 -3.54 -6.96
C ARG A 106 21.80 -4.67 -6.92
N ALA A 107 22.22 -5.92 -7.00
CA ALA A 107 21.24 -7.03 -6.97
C ALA A 107 20.57 -7.07 -5.59
N LEU A 108 21.32 -6.78 -4.53
CA LEU A 108 20.74 -6.78 -3.16
C LEU A 108 19.72 -5.64 -3.03
N ASN A 109 19.95 -4.51 -3.71
CA ASN A 109 19.05 -3.34 -3.60
C ASN A 109 17.70 -3.61 -4.31
N ARG A 110 17.71 -4.42 -5.36
CA ARG A 110 16.46 -4.79 -6.09
C ARG A 110 15.72 -5.74 -5.15
N ARG A 111 14.82 -5.22 -4.31
CA ARG A 111 14.24 -6.12 -3.30
C ARG A 111 12.89 -5.64 -2.77
N VAL A 112 12.29 -6.45 -1.93
CA VAL A 112 11.04 -6.11 -1.21
C VAL A 112 11.27 -6.37 0.28
N GLU A 113 10.78 -5.46 1.12
CA GLU A 113 10.84 -5.52 2.60
C GLU A 113 9.39 -5.63 3.10
N ILE A 114 9.15 -6.47 4.09
CA ILE A 114 7.77 -6.64 4.66
C ILE A 114 7.82 -6.27 6.15
N SER A 115 6.88 -5.42 6.56
CA SER A 115 6.74 -5.05 7.99
C SER A 115 5.33 -5.44 8.43
N LEU A 116 5.19 -6.09 9.58
CA LEU A 116 3.85 -6.47 10.09
C LEU A 116 3.44 -5.45 11.17
N VAL A 117 2.31 -4.78 10.96
CA VAL A 117 1.89 -3.66 11.84
C VAL A 117 0.62 -4.09 12.58
N PRO A 118 0.68 -4.24 13.92
CA PRO A 118 -0.49 -4.67 14.68
C PRO A 118 -1.55 -3.59 14.95
N GLN A 119 -1.17 -2.30 14.96
CA GLN A 119 -2.12 -1.21 15.34
C GLN A 119 -3.19 -0.99 14.26
N VAL A 120 -2.99 -1.49 13.05
CA VAL A 120 -3.96 -1.27 11.94
C VAL A 120 -4.73 -2.59 11.69
N ASP A 121 -6.06 -2.55 11.74
CA ASP A 121 -6.85 -3.79 11.47
C ASP A 121 -6.76 -3.99 9.96
N ALA A 122 -6.60 -5.24 9.51
CA ALA A 122 -6.43 -5.47 8.06
C ALA A 122 -7.08 -6.79 7.64
N CYS A 123 -7.30 -7.69 8.60
CA CYS A 123 -7.88 -9.02 8.30
C CYS A 123 -8.00 -9.83 9.59
N PRO B 4 3.22 6.71 20.94
CA PRO B 4 3.11 6.57 19.49
C PRO B 4 1.71 6.05 19.09
N ASP B 5 0.77 6.96 18.87
CA ASP B 5 -0.61 6.55 18.49
C ASP B 5 -0.84 6.69 16.99
N VAL B 6 -1.40 5.63 16.38
CA VAL B 6 -1.83 5.67 14.96
C VAL B 6 -2.92 6.73 14.87
N ILE B 7 -2.86 7.61 13.87
CA ILE B 7 -3.89 8.67 13.74
C ILE B 7 -4.83 8.32 12.59
N ARG B 8 -6.14 8.23 12.86
CA ARG B 8 -7.12 7.96 11.76
C ARG B 8 -7.70 9.28 11.28
N LEU B 9 -7.65 9.54 9.98
CA LEU B 9 -8.26 10.79 9.47
C LEU B 9 -9.74 10.53 9.21
N ASP B 10 -10.52 11.58 9.03
CA ASP B 10 -11.97 11.40 8.74
C ASP B 10 -12.12 10.68 7.40
N SER B 11 -13.11 9.79 7.31
CA SER B 11 -13.45 9.05 6.06
C SER B 11 -13.81 10.03 4.95
N MSE B 12 -13.53 9.67 3.70
CA MSE B 12 -13.80 10.53 2.56
C MSE B 12 -14.61 9.78 1.50
O MSE B 12 -14.05 8.98 0.75
CB MSE B 12 -12.48 11.06 1.97
CG MSE B 12 -11.74 12.03 2.88
SE MSE B 12 -10.13 12.72 2.02
CE MSE B 12 -9.14 11.07 1.72
N SER B 13 -15.93 9.99 1.49
CA SER B 13 -16.82 9.36 0.52
C SER B 13 -16.80 10.21 -0.76
N LEU B 14 -15.83 9.95 -1.64
CA LEU B 14 -15.57 10.79 -2.84
C LEU B 14 -15.81 10.04 -4.15
N PHE B 15 -16.65 9.01 -4.17
CA PHE B 15 -16.72 8.21 -5.42
C PHE B 15 -18.15 7.78 -5.79
N ASP B 16 -18.43 7.89 -7.10
CA ASP B 16 -19.72 7.44 -7.71
C ASP B 16 -19.60 5.94 -8.02
N THR B 17 -20.73 5.29 -8.26
CA THR B 17 -20.77 3.83 -8.55
C THR B 17 -19.79 3.46 -9.66
N GLY B 18 -18.97 2.44 -9.41
CA GLY B 18 -18.00 1.83 -10.35
C GLY B 18 -16.85 2.75 -10.75
N LYS B 19 -16.76 3.95 -10.17
CA LYS B 19 -15.70 4.91 -10.58
C LYS B 19 -14.62 5.03 -9.50
N TRP B 20 -13.40 5.36 -9.93
CA TRP B 20 -12.23 5.53 -9.02
C TRP B 20 -11.69 6.96 -9.14
N VAL B 21 -12.23 7.75 -10.08
CA VAL B 21 -11.81 9.18 -10.21
C VAL B 21 -12.46 9.95 -9.05
N LEU B 22 -11.77 10.99 -8.57
CA LEU B 22 -12.31 11.82 -7.48
C LEU B 22 -13.49 12.62 -8.04
N LYS B 23 -14.69 12.39 -7.51
CA LYS B 23 -15.92 13.03 -8.05
C LYS B 23 -15.87 14.54 -7.82
N PRO B 24 -16.69 15.31 -8.56
CA PRO B 24 -16.76 16.76 -8.38
C PRO B 24 -17.09 17.11 -6.91
N GLY B 25 -16.50 18.19 -6.39
CA GLY B 25 -16.76 18.65 -5.01
C GLY B 25 -15.97 17.86 -3.98
N SER B 26 -14.84 17.25 -4.37
CA SER B 26 -14.03 16.45 -3.42
C SER B 26 -12.87 17.29 -2.85
N THR B 27 -12.61 18.47 -3.42
CA THR B 27 -11.40 19.25 -3.06
C THR B 27 -11.34 19.65 -1.56
N LYS B 28 -12.47 20.05 -0.97
CA LYS B 28 -12.39 20.49 0.46
C LYS B 28 -12.03 19.33 1.39
N ARG B 29 -12.58 18.13 1.13
CA ARG B 29 -12.28 16.95 2.00
C ARG B 29 -10.83 16.49 1.75
N LEU B 30 -10.37 16.61 0.50
CA LEU B 30 -8.97 16.21 0.19
C LEU B 30 -8.00 17.18 0.87
N VAL B 31 -8.23 18.48 0.72
CA VAL B 31 -7.32 19.49 1.32
C VAL B 31 -7.26 19.22 2.83
N SER B 32 -8.44 18.91 3.44
CA SER B 32 -8.50 18.67 4.90
C SER B 32 -7.59 17.50 5.30
N SER B 33 -7.61 16.40 4.55
CA SER B 33 -6.72 15.24 4.85
C SER B 33 -5.26 15.65 4.62
N LEU B 34 -5.01 16.43 3.57
CA LEU B 34 -3.66 16.89 3.21
C LEU B 34 -3.03 17.69 4.36
N MSE B 35 -3.83 18.56 4.99
N MSE B 35 -3.83 18.57 4.98
CA MSE B 35 -3.35 19.38 6.08
CA MSE B 35 -3.30 19.37 6.08
C MSE B 35 -2.97 18.47 7.25
C MSE B 35 -2.94 18.45 7.24
O MSE B 35 -1.89 18.63 7.83
O MSE B 35 -1.84 18.56 7.81
CB MSE B 35 -4.38 20.45 6.45
CB MSE B 35 -4.28 20.48 6.45
CG MSE B 35 -4.07 21.81 5.86
CG MSE B 35 -4.35 21.61 5.43
SE MSE B 35 -5.67 22.91 5.57
SE MSE B 35 -2.56 22.11 4.79
CE MSE B 35 -7.27 22.32 6.56
CE MSE B 35 -2.45 21.84 2.85
N ASP B 36 -3.81 17.47 7.55
CA ASP B 36 -3.54 16.53 8.62
C ASP B 36 -2.23 15.77 8.31
N ILE B 37 -1.98 15.46 7.03
CA ILE B 37 -0.73 14.76 6.60
C ILE B 37 0.48 15.68 6.78
N LYS B 38 0.34 16.97 6.42
CA LYS B 38 1.45 17.94 6.54
C LYS B 38 1.82 18.12 8.02
N ALA B 39 0.86 17.93 8.93
CA ALA B 39 1.16 18.14 10.36
C ALA B 39 2.00 16.99 10.93
N ARG B 40 2.18 15.89 10.17
CA ARG B 40 2.96 14.74 10.70
C ARG B 40 3.92 14.22 9.62
N PRO B 41 4.96 15.00 9.24
CA PRO B 41 5.89 14.58 8.19
C PRO B 41 6.65 13.31 8.58
N GLY B 42 6.85 12.42 7.61
CA GLY B 42 7.61 11.19 7.87
C GLY B 42 6.76 10.04 8.34
N TRP B 43 5.50 10.27 8.70
CA TRP B 43 4.61 9.16 9.15
C TRP B 43 4.15 8.35 7.93
N LEU B 44 4.04 7.03 8.07
CA LEU B 44 3.50 6.22 6.93
C LEU B 44 2.03 6.60 6.73
N ILE B 45 1.64 6.82 5.48
CA ILE B 45 0.26 7.22 5.11
C ILE B 45 -0.41 5.97 4.55
N VAL B 46 -1.21 5.30 5.37
CA VAL B 46 -1.91 4.08 4.89
C VAL B 46 -3.22 4.57 4.27
N VAL B 47 -3.34 4.40 2.96
CA VAL B 47 -4.52 4.84 2.19
C VAL B 47 -5.36 3.59 1.90
N ALA B 48 -6.54 3.48 2.54
CA ALA B 48 -7.38 2.26 2.37
C ALA B 48 -8.66 2.60 1.61
N GLY B 49 -8.90 1.86 0.54
CA GLY B 49 -10.10 2.06 -0.30
C GLY B 49 -11.19 1.08 0.08
N HIS B 50 -12.44 1.46 -0.21
CA HIS B 50 -13.64 0.68 0.13
C HIS B 50 -14.67 0.84 -0.98
N THR B 51 -15.61 -0.11 -1.06
CA THR B 51 -16.71 -0.06 -2.06
C THR B 51 -18.02 -0.38 -1.35
N ASP B 52 -19.15 -0.08 -2.02
CA ASP B 52 -20.46 -0.53 -1.49
C ASP B 52 -20.56 -2.02 -1.89
N SER B 53 -21.63 -2.71 -1.52
CA SER B 53 -21.69 -4.17 -1.83
C SER B 53 -22.27 -4.45 -3.24
N VAL B 54 -22.48 -3.43 -4.07
CA VAL B 54 -23.02 -3.65 -5.46
C VAL B 54 -21.91 -4.30 -6.31
N GLY B 55 -22.28 -5.23 -7.19
CA GLY B 55 -21.28 -5.91 -8.06
C GLY B 55 -20.72 -7.14 -7.37
N GLU B 56 -19.57 -7.66 -7.84
CA GLU B 56 -19.01 -8.91 -7.24
C GLU B 56 -17.74 -8.57 -6.43
N GLU B 57 -17.48 -9.40 -5.42
CA GLU B 57 -16.37 -9.27 -4.44
C GLU B 57 -15.03 -8.96 -5.13
N LYS B 58 -14.59 -9.80 -6.06
CA LYS B 58 -13.27 -9.62 -6.73
C LYS B 58 -13.19 -8.23 -7.40
N ALA B 59 -14.18 -7.88 -8.20
CA ALA B 59 -14.16 -6.56 -8.89
C ALA B 59 -14.10 -5.44 -7.86
N ASN B 60 -14.86 -5.57 -6.77
CA ASN B 60 -14.88 -4.53 -5.71
C ASN B 60 -13.48 -4.45 -5.07
N GLN B 61 -12.83 -5.58 -4.87
CA GLN B 61 -11.45 -5.55 -4.33
C GLN B 61 -10.58 -4.65 -5.21
N LEU B 62 -10.53 -4.94 -6.50
CA LEU B 62 -9.67 -4.11 -7.39
C LEU B 62 -10.14 -2.65 -7.38
N LEU B 63 -11.46 -2.44 -7.37
CA LEU B 63 -11.99 -1.05 -7.40
C LEU B 63 -11.55 -0.29 -6.15
N SER B 64 -11.59 -0.95 -4.99
CA SER B 64 -11.20 -0.30 -3.71
C SER B 64 -9.73 0.11 -3.78
N LEU B 65 -8.93 -0.69 -4.47
CA LEU B 65 -7.49 -0.40 -4.57
C LEU B 65 -7.31 0.78 -5.52
N LYS B 66 -8.08 0.84 -6.61
CA LYS B 66 -7.97 1.98 -7.56
C LYS B 66 -8.34 3.28 -6.86
N ARG B 67 -9.28 3.21 -5.91
CA ARG B 67 -9.74 4.43 -5.20
C ARG B 67 -8.61 4.92 -4.29
N ALA B 68 -7.96 3.99 -3.60
CA ALA B 68 -6.82 4.31 -2.73
C ALA B 68 -5.72 4.94 -3.58
N GLU B 69 -5.53 4.44 -4.79
CA GLU B 69 -4.48 4.97 -5.70
C GLU B 69 -4.87 6.39 -6.18
N SER B 70 -6.15 6.64 -6.43
CA SER B 70 -6.58 7.99 -6.88
C SER B 70 -6.26 9.01 -5.79
N VAL B 71 -6.54 8.64 -4.53
CA VAL B 71 -6.29 9.56 -3.38
C VAL B 71 -4.79 9.75 -3.22
N ARG B 72 -4.03 8.65 -3.27
CA ARG B 72 -2.55 8.72 -3.14
C ARG B 72 -2.01 9.67 -4.20
N ASP B 73 -2.42 9.47 -5.45
CA ASP B 73 -1.93 10.29 -6.58
C ASP B 73 -2.26 11.77 -6.34
N TRP B 74 -3.45 12.06 -5.82
CA TRP B 74 -3.82 13.48 -5.56
C TRP B 74 -2.89 14.06 -4.51
N MSE B 75 -2.71 13.35 -3.40
CA MSE B 75 -1.88 13.82 -2.31
C MSE B 75 -0.43 14.03 -2.78
O MSE B 75 0.22 15.02 -2.43
CB MSE B 75 -1.88 12.82 -1.16
CG MSE B 75 -3.23 12.57 -0.52
SE MSE B 75 -3.89 14.14 0.44
CE MSE B 75 -5.77 13.67 0.68
N ARG B 76 0.05 13.11 -3.59
CA ARG B 76 1.42 13.19 -4.06
C ARG B 76 1.59 14.32 -5.08
N ASP B 77 0.74 14.38 -6.10
CA ASP B 77 0.93 15.34 -7.22
C ASP B 77 0.35 16.73 -6.92
N THR B 78 -0.81 16.80 -6.28
CA THR B 78 -1.44 18.11 -5.97
C THR B 78 -0.95 18.62 -4.60
N GLY B 79 -0.65 17.69 -3.68
CA GLY B 79 -0.22 18.04 -2.31
C GLY B 79 1.29 17.91 -2.08
N ASP B 80 2.06 17.67 -3.17
CA ASP B 80 3.54 17.58 -3.05
C ASP B 80 3.97 16.67 -1.90
N VAL B 81 3.27 15.56 -1.65
CA VAL B 81 3.72 14.62 -0.58
C VAL B 81 4.65 13.59 -1.24
N PRO B 82 5.86 13.30 -0.70
CA PRO B 82 6.75 12.33 -1.34
C PRO B 82 6.04 10.99 -1.64
N ASP B 83 6.36 10.38 -2.78
CA ASP B 83 5.66 9.14 -3.19
C ASP B 83 5.93 7.99 -2.20
N SER B 84 7.07 8.02 -1.49
CA SER B 84 7.42 6.90 -0.56
C SER B 84 6.63 6.97 0.76
N CYS B 85 5.88 8.05 0.99
CA CYS B 85 5.11 8.15 2.27
C CYS B 85 3.90 7.20 2.27
N PHE B 86 3.44 6.79 1.09
CA PHE B 86 2.15 6.04 0.98
C PHE B 86 2.28 4.52 0.90
N ALA B 87 1.25 3.88 1.44
CA ALA B 87 0.99 2.43 1.37
C ALA B 87 -0.49 2.29 1.02
N VAL B 88 -0.80 1.70 -0.13
CA VAL B 88 -2.21 1.58 -0.60
C VAL B 88 -2.76 0.20 -0.26
N GLN B 89 -4.00 0.21 0.24
CA GLN B 89 -4.70 -1.00 0.73
C GLN B 89 -6.13 -1.00 0.20
N GLY B 90 -6.67 -2.19 -0.05
CA GLY B 90 -8.07 -2.28 -0.51
C GLY B 90 -8.84 -3.25 0.35
N TYR B 91 -10.00 -2.84 0.84
CA TYR B 91 -10.90 -3.71 1.64
C TYR B 91 -12.09 -4.16 0.80
N GLY B 92 -12.21 -3.63 -0.43
CA GLY B 92 -13.37 -4.02 -1.25
C GLY B 92 -14.66 -3.66 -0.53
N GLU B 93 -15.64 -4.56 -0.55
CA GLU B 93 -16.96 -4.31 0.07
C GLU B 93 -17.01 -4.90 1.49
N SER B 94 -15.86 -5.27 2.05
CA SER B 94 -15.87 -6.01 3.35
C SER B 94 -16.15 -5.13 4.58
N ARG B 95 -15.91 -3.80 4.55
CA ARG B 95 -16.10 -3.03 5.83
C ARG B 95 -16.92 -1.75 5.66
N PRO B 96 -18.25 -1.86 5.48
CA PRO B 96 -19.09 -0.67 5.36
C PRO B 96 -19.15 0.16 6.66
N ILE B 97 -19.39 1.48 6.50
CA ILE B 97 -19.61 2.42 7.65
C ILE B 97 -21.11 2.76 7.64
N ALA B 98 -21.82 2.33 6.61
CA ALA B 98 -23.27 2.65 6.53
C ALA B 98 -24.03 1.49 5.86
N THR B 99 -25.36 1.50 5.99
CA THR B 99 -26.16 0.41 5.37
C THR B 99 -25.97 0.46 3.85
N ASN B 100 -25.98 -0.71 3.19
CA ASN B 100 -25.94 -0.76 1.71
C ASN B 100 -27.38 -0.84 1.18
N ASP B 101 -28.37 -0.71 2.08
CA ASP B 101 -29.82 -0.84 1.71
C ASP B 101 -30.40 0.49 1.21
N THR B 102 -29.62 1.57 1.18
CA THR B 102 -30.10 2.87 0.65
C THR B 102 -29.03 3.45 -0.26
N PRO B 103 -29.40 4.34 -1.22
CA PRO B 103 -28.41 4.97 -2.09
C PRO B 103 -27.41 5.85 -1.32
N GLU B 104 -27.89 6.54 -0.27
CA GLU B 104 -27.04 7.45 0.55
C GLU B 104 -26.03 6.60 1.33
N GLY B 105 -26.49 5.49 1.90
CA GLY B 105 -25.59 4.59 2.65
C GLY B 105 -24.54 4.02 1.71
N ARG B 106 -24.96 3.61 0.52
CA ARG B 106 -24.00 3.05 -0.47
C ARG B 106 -22.99 4.14 -0.84
N ALA B 107 -23.46 5.39 -0.93
CA ALA B 107 -22.52 6.49 -1.30
C ALA B 107 -21.50 6.68 -0.16
N LEU B 108 -21.93 6.50 1.09
CA LEU B 108 -20.99 6.67 2.23
C LEU B 108 -19.95 5.56 2.19
N ASN B 109 -20.34 4.37 1.73
CA ASN B 109 -19.42 3.21 1.69
C ASN B 109 -18.40 3.35 0.56
N ARG B 110 -18.70 4.14 -0.49
CA ARG B 110 -17.72 4.36 -1.59
C ARG B 110 -16.74 5.40 -1.07
N ARG B 111 -15.59 4.96 -0.54
CA ARG B 111 -14.75 5.94 0.17
C ARG B 111 -13.29 5.47 0.33
N VAL B 112 -12.48 6.38 0.85
CA VAL B 112 -11.07 6.10 1.25
C VAL B 112 -10.90 6.55 2.71
N GLU B 113 -10.22 5.72 3.50
CA GLU B 113 -9.87 5.97 4.92
C GLU B 113 -8.35 6.13 4.98
N ILE B 114 -7.84 7.14 5.67
CA ILE B 114 -6.36 7.33 5.81
C ILE B 114 -5.96 7.17 7.28
N SER B 115 -4.89 6.40 7.51
CA SER B 115 -4.31 6.22 8.86
C SER B 115 -2.84 6.63 8.79
N LEU B 116 -2.38 7.36 9.79
CA LEU B 116 -0.96 7.80 9.89
C LEU B 116 -0.29 6.91 10.92
N VAL B 117 0.76 6.19 10.49
CA VAL B 117 1.47 5.18 11.34
C VAL B 117 2.91 5.66 11.54
N PRO B 118 3.32 6.01 12.78
CA PRO B 118 4.67 6.51 13.01
C PRO B 118 5.78 5.46 13.17
N GLN B 119 5.44 4.20 13.47
CA GLN B 119 6.44 3.12 13.71
C GLN B 119 7.15 2.74 12.40
N VAL B 120 6.63 3.16 11.26
CA VAL B 120 7.23 2.82 9.93
C VAL B 120 7.85 4.10 9.36
N ASP B 121 9.17 4.13 9.19
CA ASP B 121 9.84 5.32 8.61
C ASP B 121 9.48 5.31 7.12
N ALA B 122 8.61 6.22 6.70
CA ALA B 122 8.11 6.21 5.31
C ALA B 122 8.68 7.36 4.49
N CYS B 123 9.13 8.43 5.14
CA CYS B 123 9.64 9.62 4.39
C CYS B 123 10.11 10.67 5.40
N DAL C . 17.13 0.50 -11.20
CA DAL C . 17.09 -0.80 -11.93
CB DAL C . 16.38 -0.64 -13.26
C DAL C . 16.42 -1.87 -11.06
O DAL C . 16.01 -2.92 -11.55
OXT DAL C . 16.28 -1.73 -9.84
CL CL D . 8.99 -7.86 -15.47
N DAL E . -19.72 -1.65 -5.64
CA DAL E . -19.79 -0.51 -6.60
CB DAL E . -19.24 -0.93 -7.95
C DAL E . -19.03 0.69 -6.03
O DAL E . -18.58 0.72 -4.88
OXT DAL E . -18.86 1.70 -6.73
CL CL F . -13.23 6.08 -13.00
#